data_1EXI
#
_entry.id   1EXI
#
_cell.length_a   110.150
_cell.length_b   110.150
_cell.length_c   144.590
_cell.angle_alpha   90.00
_cell.angle_beta   90.00
_cell.angle_gamma   90.00
#
_symmetry.space_group_name_H-M   'P 43 2 2'
#
loop_
_entity.id
_entity.type
_entity.pdbx_description
1 polymer "DNA (5'-D(*AP*CP*CP*CP*TP*CP*CP*CP*CP*TP*TP*AP*GP*GP*GP*GP*AP*GP*GP*GP*T)-3')"
2 polymer 'MULTIDRUG-EFFLUX TRANSPORTER REGULATOR'
3 non-polymer 'ZINC ION'
4 non-polymer 'TETRAPHENYLANTIMONIUM ION'
5 water water
#
loop_
_entity_poly.entity_id
_entity_poly.type
_entity_poly.pdbx_seq_one_letter_code
_entity_poly.pdbx_strand_id
1 'polydeoxyribonucleotide'
;(DA)(DC)(DC)(DC)(DT)(DC)(DC)(DC)(DC)(DT)(DT)(DA)(DG)(DG)(DG)(DG)(DA)(DG)(DG)(DG)
(DT)
;
M
2 'polypeptide(L)'
;MKESYYSIGEVSKLANVSIKALRYYDKIDLFKPAYVDPDTSYRYYTDSQLIHLDLIKSLKYIGTPLEEMKKAQDLEMEEL
FAFYTEQERQIREKLDFLSALEQTISLVKKRMKRQMEYPALGEVFVLDEEEIRIIQTEAEGIGPENVLNASYSKLKKFIE
SADGFTNNSYGATFSFQPYTSIDEMTYRHIFTPVLTNKQISSITPDMEITTIPKGRYACIAYNFSPEHYFLNLQKLIKYI
ADRQLTVVSDVYELIIPIHYSPKKQEEYRVEMKIRIAE
;
A
#
# COMPACT_ATOMS: atom_id res chain seq x y z
N GLU B 3 -49.61 -10.49 -29.81
CA GLU B 3 -49.47 -9.38 -28.85
C GLU B 3 -49.34 -9.71 -27.36
N SER B 4 -48.08 -9.78 -26.93
CA SER B 4 -47.70 -10.07 -25.57
C SER B 4 -47.21 -8.78 -24.89
N TYR B 5 -47.84 -8.45 -23.79
CA TYR B 5 -47.45 -7.29 -23.09
C TYR B 5 -47.22 -7.61 -21.63
N TYR B 6 -46.19 -7.01 -21.09
CA TYR B 6 -45.89 -7.27 -19.71
C TYR B 6 -45.91 -6.19 -18.62
N SER B 7 -46.22 -6.72 -17.43
CA SER B 7 -46.31 -6.00 -16.18
C SER B 7 -44.87 -5.95 -15.85
N ILE B 8 -44.53 -4.94 -15.08
CA ILE B 8 -43.18 -4.72 -14.65
C ILE B 8 -42.64 -6.02 -13.91
N GLY B 9 -43.50 -6.59 -13.06
CA GLY B 9 -43.20 -7.80 -12.29
C GLY B 9 -42.55 -8.79 -13.22
N GLU B 10 -43.34 -9.22 -14.20
CA GLU B 10 -42.96 -10.16 -15.24
C GLU B 10 -41.56 -9.89 -15.80
N VAL B 11 -41.33 -8.66 -16.15
CA VAL B 11 -40.06 -8.22 -16.68
C VAL B 11 -38.99 -8.59 -15.69
N SER B 12 -39.13 -8.05 -14.47
CA SER B 12 -38.21 -8.29 -13.37
C SER B 12 -38.04 -9.77 -13.12
N LYS B 13 -39.07 -10.55 -13.40
CA LYS B 13 -39.02 -12.03 -13.21
C LYS B 13 -38.32 -12.70 -14.42
N LEU B 14 -38.56 -12.13 -15.59
CA LEU B 14 -38.02 -12.60 -16.87
C LEU B 14 -36.56 -12.33 -17.12
N ALA B 15 -36.18 -11.08 -16.95
CA ALA B 15 -34.82 -10.66 -17.14
C ALA B 15 -34.66 -10.53 -15.66
N ASN B 16 -33.81 -11.33 -15.04
CA ASN B 16 -33.64 -11.24 -13.62
C ASN B 16 -33.20 -9.83 -13.33
N VAL B 17 -34.16 -9.07 -12.81
CA VAL B 17 -34.01 -7.69 -12.46
C VAL B 17 -34.91 -7.17 -11.37
N SER B 18 -34.40 -6.20 -10.66
CA SER B 18 -35.11 -5.59 -9.58
C SER B 18 -35.91 -4.43 -10.12
N ILE B 19 -37.13 -4.43 -9.63
CA ILE B 19 -38.09 -3.46 -9.98
C ILE B 19 -37.51 -2.14 -9.86
N LYS B 20 -37.15 -1.80 -8.65
CA LYS B 20 -36.58 -0.53 -8.38
C LYS B 20 -35.52 -0.24 -9.45
N ALA B 21 -34.79 -1.29 -9.86
CA ALA B 21 -33.74 -1.13 -10.87
C ALA B 21 -34.25 -0.54 -12.13
N LEU B 22 -35.16 -1.29 -12.77
CA LEU B 22 -35.77 -0.87 -14.03
C LEU B 22 -36.59 0.38 -13.85
N ARG B 23 -37.28 0.46 -12.72
CA ARG B 23 -38.09 1.61 -12.42
C ARG B 23 -37.18 2.85 -12.59
N TYR B 24 -35.98 2.76 -12.04
CA TYR B 24 -35.03 3.85 -12.13
C TYR B 24 -34.29 3.88 -13.48
N TYR B 25 -34.48 2.86 -14.28
CA TYR B 25 -33.82 2.82 -15.58
C TYR B 25 -34.65 3.60 -16.58
N ASP B 26 -35.92 3.69 -16.19
CA ASP B 26 -36.94 4.36 -16.92
C ASP B 26 -36.61 5.78 -16.59
N LYS B 27 -36.51 6.09 -15.31
CA LYS B 27 -36.17 7.44 -14.89
C LYS B 27 -34.78 7.86 -15.38
N ILE B 28 -33.89 6.89 -15.55
CA ILE B 28 -32.52 7.15 -16.02
C ILE B 28 -32.70 7.44 -17.50
N ASP B 29 -33.87 7.03 -17.98
CA ASP B 29 -34.29 7.19 -19.38
C ASP B 29 -33.67 6.18 -20.28
N LEU B 30 -32.91 5.27 -19.68
CA LEU B 30 -32.24 4.21 -20.41
C LEU B 30 -33.35 3.26 -20.89
N PHE B 31 -34.04 2.67 -19.94
CA PHE B 31 -35.07 1.76 -20.31
C PHE B 31 -36.44 2.13 -19.75
N LYS B 32 -37.20 2.78 -20.60
CA LYS B 32 -38.53 3.19 -20.25
C LYS B 32 -39.49 2.07 -20.79
N PRO B 33 -40.65 1.97 -20.19
CA PRO B 33 -41.60 1.00 -20.60
C PRO B 33 -42.17 1.32 -21.98
N ALA B 34 -42.75 0.32 -22.58
CA ALA B 34 -43.31 0.51 -23.85
C ALA B 34 -44.59 1.37 -23.68
N TYR B 35 -45.12 1.40 -22.46
CA TYR B 35 -46.30 2.18 -22.26
C TYR B 35 -46.68 2.28 -20.80
N VAL B 36 -46.98 3.52 -20.40
CA VAL B 36 -47.38 3.85 -19.04
C VAL B 36 -48.88 4.16 -19.09
N ASP B 37 -49.66 3.45 -18.30
CA ASP B 37 -51.09 3.64 -18.28
C ASP B 37 -51.36 5.04 -17.68
N PRO B 38 -51.69 6.00 -18.52
CA PRO B 38 -51.97 7.37 -18.09
C PRO B 38 -53.16 7.48 -17.16
N ASP B 39 -53.57 6.37 -16.60
CA ASP B 39 -54.68 6.40 -15.73
C ASP B 39 -54.19 5.85 -14.43
N THR B 40 -53.47 4.75 -14.54
CA THR B 40 -52.94 4.07 -13.36
C THR B 40 -51.40 4.10 -13.13
N SER B 41 -50.70 4.91 -13.94
CA SER B 41 -49.22 5.09 -13.94
C SER B 41 -48.42 3.79 -13.98
N TYR B 42 -49.13 2.69 -14.25
CA TYR B 42 -48.56 1.38 -14.32
C TYR B 42 -47.57 1.26 -15.47
N ARG B 43 -46.57 0.37 -15.33
CA ARG B 43 -45.55 0.19 -16.38
C ARG B 43 -45.69 -1.10 -17.21
N TYR B 44 -45.81 -0.92 -18.53
CA TYR B 44 -45.96 -2.05 -19.44
C TYR B 44 -44.93 -2.05 -20.50
N TYR B 45 -44.33 -3.21 -20.67
CA TYR B 45 -43.31 -3.38 -21.65
C TYR B 45 -43.73 -4.37 -22.70
N THR B 46 -43.05 -4.29 -23.84
CA THR B 46 -43.33 -5.20 -24.93
C THR B 46 -42.20 -6.32 -25.04
N ASP B 47 -42.58 -7.51 -25.55
CA ASP B 47 -41.66 -8.62 -25.74
C ASP B 47 -40.49 -8.09 -26.57
N SER B 48 -40.71 -7.00 -27.25
CA SER B 48 -39.66 -6.43 -28.06
C SER B 48 -38.53 -6.10 -27.14
N GLN B 49 -38.77 -4.99 -26.49
CA GLN B 49 -37.92 -4.35 -25.50
C GLN B 49 -36.75 -5.12 -24.87
N LEU B 50 -37.10 -6.27 -24.27
CA LEU B 50 -36.20 -7.19 -23.56
C LEU B 50 -34.81 -7.28 -24.08
N ILE B 51 -34.73 -7.33 -25.40
CA ILE B 51 -33.48 -7.43 -26.06
C ILE B 51 -32.58 -6.28 -25.62
N HIS B 52 -33.16 -5.15 -25.37
CA HIS B 52 -32.40 -3.99 -24.94
C HIS B 52 -31.75 -4.20 -23.58
N LEU B 53 -32.45 -4.99 -22.78
CA LEU B 53 -32.04 -5.36 -21.46
C LEU B 53 -30.76 -6.16 -21.44
N ASP B 54 -30.49 -6.84 -22.54
CA ASP B 54 -29.28 -7.63 -22.63
C ASP B 54 -28.05 -6.73 -22.45
N LEU B 55 -27.79 -5.89 -23.44
CA LEU B 55 -26.70 -4.97 -23.40
C LEU B 55 -26.47 -4.32 -21.98
N ILE B 56 -27.53 -3.84 -21.35
CA ILE B 56 -27.37 -3.23 -20.06
C ILE B 56 -26.88 -4.18 -18.99
N LYS B 57 -27.49 -5.37 -18.95
CA LYS B 57 -27.17 -6.45 -18.01
C LYS B 57 -25.71 -6.61 -18.15
N SER B 58 -25.34 -6.82 -19.41
CA SER B 58 -23.96 -7.03 -19.87
C SER B 58 -23.10 -5.92 -19.36
N LEU B 59 -23.41 -4.74 -19.86
CA LEU B 59 -22.70 -3.53 -19.51
C LEU B 59 -22.48 -3.33 -18.04
N LYS B 60 -23.56 -3.47 -17.30
CA LYS B 60 -23.52 -3.33 -15.86
C LYS B 60 -22.69 -4.48 -15.29
N TYR B 61 -22.71 -5.61 -15.99
CA TYR B 61 -21.96 -6.74 -15.53
C TYR B 61 -20.52 -6.34 -15.51
N ILE B 62 -20.01 -5.98 -16.70
CA ILE B 62 -18.62 -5.51 -16.91
C ILE B 62 -18.29 -4.44 -15.89
N GLY B 63 -19.20 -3.51 -15.74
CA GLY B 63 -19.04 -2.41 -14.83
C GLY B 63 -18.73 -1.18 -15.67
N THR B 64 -19.78 -0.53 -16.16
CA THR B 64 -19.67 0.66 -16.96
C THR B 64 -20.85 1.37 -16.45
N PRO B 65 -20.67 2.62 -16.06
CA PRO B 65 -21.75 3.43 -15.53
C PRO B 65 -22.90 3.37 -16.50
N LEU B 66 -24.12 3.37 -15.98
CA LEU B 66 -25.32 3.33 -16.81
C LEU B 66 -25.14 4.56 -17.72
N GLU B 67 -24.69 5.64 -17.09
CA GLU B 67 -24.44 6.91 -17.75
C GLU B 67 -23.74 6.73 -19.11
N GLU B 68 -22.74 5.86 -19.15
CA GLU B 68 -21.98 5.59 -20.39
C GLU B 68 -22.80 4.62 -21.26
N MET B 69 -23.44 3.67 -20.58
CA MET B 69 -24.26 2.66 -21.22
C MET B 69 -25.21 3.33 -22.15
N LYS B 70 -25.48 4.61 -21.82
CA LYS B 70 -26.36 5.50 -22.59
C LYS B 70 -25.92 5.54 -24.05
N LYS B 71 -24.81 6.19 -24.35
CA LYS B 71 -24.35 6.25 -25.73
C LYS B 71 -23.87 4.85 -26.16
N ALA B 72 -23.69 3.99 -25.17
CA ALA B 72 -23.22 2.62 -25.39
C ALA B 72 -24.13 1.88 -26.34
N GLN B 73 -25.44 2.05 -26.15
CA GLN B 73 -26.40 1.38 -27.01
C GLN B 73 -26.29 1.90 -28.44
N ASP B 74 -26.72 3.14 -28.63
CA ASP B 74 -26.72 3.84 -29.91
C ASP B 74 -25.82 3.33 -31.06
N LEU B 75 -24.55 3.06 -30.76
CA LEU B 75 -23.61 2.59 -31.79
C LEU B 75 -23.87 1.21 -32.35
N GLU B 76 -23.43 1.01 -33.60
CA GLU B 76 -23.61 -0.28 -34.27
C GLU B 76 -22.31 -1.11 -34.43
N MET B 77 -22.41 -2.35 -34.00
CA MET B 77 -21.36 -3.35 -34.04
C MET B 77 -19.92 -2.98 -34.15
N GLU B 78 -19.48 -2.64 -35.36
CA GLU B 78 -18.07 -2.26 -35.57
C GLU B 78 -17.68 -1.17 -34.56
N GLU B 79 -18.72 -0.50 -34.07
CA GLU B 79 -18.62 0.55 -33.09
C GLU B 79 -18.52 -0.08 -31.70
N LEU B 80 -19.65 -0.69 -31.29
CA LEU B 80 -19.74 -1.34 -30.00
C LEU B 80 -18.53 -2.33 -29.74
N PHE B 81 -18.07 -2.97 -30.81
CA PHE B 81 -16.99 -3.92 -30.80
C PHE B 81 -15.76 -3.26 -30.25
N ALA B 82 -15.45 -2.10 -30.79
CA ALA B 82 -14.29 -1.33 -30.37
C ALA B 82 -14.52 -0.96 -28.96
N PHE B 83 -15.78 -0.63 -28.67
CA PHE B 83 -16.15 -0.27 -27.34
C PHE B 83 -15.69 -1.37 -26.42
N TYR B 84 -16.34 -2.50 -26.59
CA TYR B 84 -16.09 -3.69 -25.85
C TYR B 84 -14.54 -3.93 -25.70
N THR B 85 -13.74 -3.48 -26.66
CA THR B 85 -12.31 -3.71 -26.51
C THR B 85 -11.71 -2.70 -25.59
N GLU B 86 -12.19 -1.48 -25.70
CA GLU B 86 -11.70 -0.40 -24.88
C GLU B 86 -11.93 -0.86 -23.44
N GLN B 87 -13.04 -1.59 -23.29
CA GLN B 87 -13.47 -2.15 -22.03
C GLN B 87 -12.50 -3.13 -21.56
N GLU B 88 -11.87 -3.81 -22.49
CA GLU B 88 -10.87 -4.78 -22.11
C GLU B 88 -9.52 -4.12 -21.73
N ARG B 89 -9.20 -3.00 -22.32
CA ARG B 89 -7.93 -2.36 -21.98
C ARG B 89 -8.07 -1.88 -20.59
N GLN B 90 -9.31 -1.63 -20.23
CA GLN B 90 -9.61 -1.17 -18.90
C GLN B 90 -9.40 -2.35 -17.92
N ILE B 91 -10.17 -3.43 -18.10
CA ILE B 91 -10.07 -4.64 -17.26
C ILE B 91 -8.59 -5.04 -17.19
N ARG B 92 -8.01 -5.19 -18.37
CA ARG B 92 -6.60 -5.57 -18.52
C ARG B 92 -5.65 -4.57 -17.86
N GLU B 93 -6.22 -3.52 -17.28
CA GLU B 93 -5.45 -2.47 -16.63
C GLU B 93 -5.45 -2.61 -15.11
N LYS B 94 -6.62 -2.49 -14.55
CA LYS B 94 -6.81 -2.59 -13.15
C LYS B 94 -6.13 -3.84 -12.68
N LEU B 95 -6.15 -4.83 -13.57
CA LEU B 95 -5.56 -6.11 -13.32
C LEU B 95 -4.17 -6.01 -12.77
N ASP B 96 -3.23 -5.92 -13.71
CA ASP B 96 -1.83 -5.82 -13.36
C ASP B 96 -1.55 -4.72 -12.34
N PHE B 97 -2.53 -3.85 -12.10
CA PHE B 97 -2.29 -2.79 -11.13
C PHE B 97 -2.25 -3.41 -9.76
N LEU B 98 -3.35 -4.08 -9.45
CA LEU B 98 -3.54 -4.73 -8.19
C LEU B 98 -2.62 -5.87 -7.91
N SER B 99 -2.37 -6.67 -8.95
CA SER B 99 -1.50 -7.82 -8.86
C SER B 99 -0.25 -7.33 -8.16
N ALA B 100 0.08 -6.09 -8.49
CA ALA B 100 1.24 -5.45 -7.90
C ALA B 100 1.12 -5.50 -6.38
N LEU B 101 0.07 -4.83 -5.91
CA LEU B 101 -0.23 -4.72 -4.48
C LEU B 101 -0.07 -6.03 -3.88
N GLU B 102 -0.77 -6.98 -4.50
CA GLU B 102 -0.77 -8.35 -4.11
C GLU B 102 0.66 -8.68 -3.66
N GLN B 103 1.60 -8.54 -4.60
CA GLN B 103 3.00 -8.80 -4.32
C GLN B 103 3.43 -7.87 -3.19
N THR B 104 3.30 -6.57 -3.44
CA THR B 104 3.66 -5.50 -2.50
C THR B 104 3.41 -5.76 -1.03
N ILE B 105 2.27 -6.36 -0.76
CA ILE B 105 1.83 -6.69 0.56
C ILE B 105 2.57 -7.89 1.02
N SER B 106 2.58 -8.91 0.19
CA SER B 106 3.26 -10.16 0.50
C SER B 106 4.71 -9.95 0.82
N LEU B 107 5.18 -8.72 0.57
CA LEU B 107 6.54 -8.32 0.83
C LEU B 107 6.51 -7.79 2.27
N VAL B 108 5.54 -6.91 2.50
CA VAL B 108 5.26 -6.24 3.79
C VAL B 108 5.01 -7.22 4.91
N LYS B 109 4.06 -8.10 4.66
CA LYS B 109 3.66 -9.11 5.60
C LYS B 109 4.93 -9.83 6.15
N LYS B 110 5.68 -10.42 5.23
CA LYS B 110 6.90 -11.14 5.54
C LYS B 110 7.72 -10.25 6.40
N ARG B 111 7.88 -9.01 5.98
CA ARG B 111 8.69 -8.08 6.77
C ARG B 111 8.09 -7.95 8.19
N MET B 112 6.76 -7.94 8.24
CA MET B 112 6.01 -7.82 9.48
C MET B 112 6.34 -9.00 10.38
N LYS B 113 5.97 -10.19 9.91
CA LYS B 113 6.20 -11.42 10.66
C LYS B 113 7.63 -11.51 11.18
N ARG B 114 8.59 -11.11 10.37
CA ARG B 114 10.00 -11.15 10.78
C ARG B 114 10.28 -10.22 11.97
N GLN B 115 9.27 -9.48 12.38
CA GLN B 115 9.39 -8.56 13.50
C GLN B 115 8.88 -9.26 14.71
N MET B 116 7.86 -10.07 14.51
CA MET B 116 7.27 -10.82 15.58
C MET B 116 8.18 -12.01 15.86
N GLU B 117 8.79 -12.53 14.80
CA GLU B 117 9.67 -13.67 14.93
C GLU B 117 10.96 -13.41 15.67
N TYR B 118 11.07 -12.21 16.23
CA TYR B 118 12.26 -11.85 16.99
C TYR B 118 12.05 -12.73 18.23
N PRO B 119 13.07 -13.55 18.54
CA PRO B 119 13.03 -14.47 19.66
C PRO B 119 13.55 -13.94 20.98
N ALA B 120 14.56 -13.07 20.87
CA ALA B 120 15.18 -12.46 22.03
C ALA B 120 14.91 -10.98 22.17
N LEU B 121 13.84 -10.63 22.87
CA LEU B 121 13.55 -9.22 23.03
C LEU B 121 14.48 -8.77 24.18
N GLY B 122 15.36 -7.81 23.93
CA GLY B 122 16.25 -7.37 25.01
C GLY B 122 17.73 -7.83 24.94
N GLU B 123 18.01 -8.86 24.16
CA GLU B 123 19.39 -9.29 24.09
C GLU B 123 19.86 -9.39 22.65
N VAL B 124 21.18 -9.55 22.46
CA VAL B 124 21.73 -9.65 21.13
C VAL B 124 21.41 -10.93 20.35
N PHE B 125 20.97 -10.68 19.11
CA PHE B 125 20.59 -11.66 18.11
C PHE B 125 21.70 -11.49 17.05
N VAL B 126 22.18 -12.60 16.52
CA VAL B 126 23.25 -12.56 15.54
C VAL B 126 22.99 -13.47 14.36
N LEU B 127 22.65 -12.87 13.23
CA LEU B 127 22.37 -13.69 12.10
C LEU B 127 22.75 -13.27 10.70
N ASP B 128 22.19 -14.07 9.79
CA ASP B 128 22.34 -13.96 8.36
C ASP B 128 21.07 -13.27 7.93
N GLU B 129 21.28 -12.08 7.39
CA GLU B 129 20.24 -11.21 6.90
C GLU B 129 20.23 -11.11 5.39
N GLU B 130 19.17 -10.51 4.89
CA GLU B 130 18.97 -10.30 3.46
C GLU B 130 19.18 -8.83 3.08
N GLU B 131 19.26 -8.58 1.78
CA GLU B 131 19.47 -7.25 1.22
C GLU B 131 18.28 -6.23 1.29
N ILE B 132 18.62 -4.95 1.63
CA ILE B 132 17.64 -3.84 1.75
C ILE B 132 17.52 -2.57 0.86
N ARG B 133 16.72 -2.74 -0.18
CA ARG B 133 16.49 -1.66 -1.09
C ARG B 133 15.80 -0.62 -0.21
N ILE B 134 16.55 0.45 0.04
CA ILE B 134 16.16 1.59 0.84
C ILE B 134 16.72 2.95 0.28
N ILE B 135 16.13 4.04 0.71
CA ILE B 135 16.59 5.32 0.27
C ILE B 135 16.66 6.24 1.49
N GLN B 136 17.65 7.11 1.51
CA GLN B 136 17.81 8.03 2.60
C GLN B 136 18.43 9.29 2.07
N THR B 137 18.59 10.23 2.99
CA THR B 137 19.18 11.51 2.70
C THR B 137 20.25 11.59 3.83
N GLU B 138 21.10 12.64 3.81
CA GLU B 138 22.13 12.76 4.86
C GLU B 138 21.48 13.65 5.96
N ALA B 139 21.20 13.07 7.12
CA ALA B 139 20.57 13.78 8.24
C ALA B 139 21.32 14.99 8.85
N GLU B 140 21.38 16.07 8.10
CA GLU B 140 22.07 17.31 8.50
C GLU B 140 21.90 17.82 9.94
N GLY B 141 22.68 17.28 10.87
CA GLY B 141 22.60 17.72 12.27
C GLY B 141 21.76 16.83 13.20
N ILE B 142 20.49 16.56 12.82
CA ILE B 142 19.57 15.74 13.60
C ILE B 142 20.16 14.61 14.45
N GLY B 143 19.84 14.63 15.75
CA GLY B 143 20.31 13.62 16.71
C GLY B 143 19.05 12.83 16.97
N PRO B 144 19.16 11.71 17.68
CA PRO B 144 17.96 10.88 17.96
C PRO B 144 17.00 11.67 18.83
N GLU B 145 17.55 12.76 19.34
CA GLU B 145 16.87 13.70 20.21
C GLU B 145 16.24 14.79 19.36
N ASN B 146 16.84 15.05 18.20
CA ASN B 146 16.35 16.07 17.29
C ASN B 146 15.17 15.52 16.50
N VAL B 147 15.46 14.54 15.64
CA VAL B 147 14.52 13.82 14.77
C VAL B 147 13.03 13.92 15.00
N LEU B 148 12.29 14.13 13.90
CA LEU B 148 10.84 14.25 13.90
C LEU B 148 10.20 13.35 12.90
N ASN B 149 9.37 13.98 12.07
CA ASN B 149 8.65 13.27 11.06
C ASN B 149 8.65 14.20 9.92
N ALA B 150 8.66 15.46 10.27
CA ALA B 150 8.65 16.52 9.26
C ALA B 150 9.97 16.43 8.58
N SER B 151 10.85 15.70 9.23
CA SER B 151 12.21 15.42 8.83
C SER B 151 12.14 14.34 7.74
N TYR B 152 10.95 13.81 7.53
CA TYR B 152 10.81 12.79 6.58
C TYR B 152 10.19 13.12 5.27
N SER B 153 9.23 14.04 5.34
CA SER B 153 8.45 14.56 4.20
C SER B 153 8.94 14.02 2.86
N LYS B 154 9.89 14.73 2.26
CA LYS B 154 10.50 14.38 0.96
C LYS B 154 10.51 12.87 0.66
N LEU B 155 11.49 12.21 1.25
CA LEU B 155 11.75 10.81 1.17
C LEU B 155 10.44 10.05 1.30
N LYS B 156 9.54 10.57 2.11
CA LYS B 156 8.25 9.92 2.32
C LYS B 156 7.45 10.08 1.05
N LYS B 157 7.31 11.34 0.68
CA LYS B 157 6.59 11.76 -0.50
C LYS B 157 7.05 10.89 -1.61
N PHE B 158 8.32 10.61 -1.59
CA PHE B 158 8.86 9.78 -2.59
C PHE B 158 8.34 8.32 -2.52
N ILE B 159 8.67 7.59 -1.46
CA ILE B 159 8.22 6.20 -1.31
C ILE B 159 6.81 5.96 -1.80
N GLU B 160 5.84 6.64 -1.17
CA GLU B 160 4.45 6.49 -1.56
C GLU B 160 4.30 6.71 -3.10
N SER B 161 5.05 7.68 -3.60
CA SER B 161 5.05 8.03 -5.01
C SER B 161 5.59 6.94 -5.91
N ALA B 162 6.12 5.88 -5.30
CA ALA B 162 6.68 4.78 -6.07
C ALA B 162 6.34 3.44 -5.47
N ASP B 163 5.45 3.44 -4.49
CA ASP B 163 5.07 2.20 -3.84
C ASP B 163 3.55 2.24 -3.46
N GLY B 164 3.00 3.44 -3.31
CA GLY B 164 1.60 3.61 -2.93
C GLY B 164 1.59 3.44 -1.41
N PHE B 165 2.47 2.55 -0.98
CA PHE B 165 2.64 2.23 0.40
C PHE B 165 3.70 3.10 1.07
N THR B 166 3.34 3.64 2.24
CA THR B 166 4.23 4.51 3.02
C THR B 166 5.18 3.74 3.97
N ASN B 167 6.13 4.48 4.54
CA ASN B 167 7.09 3.92 5.46
C ASN B 167 6.41 3.41 6.71
N ASN B 168 6.48 2.10 6.89
CA ASN B 168 5.90 1.44 8.06
C ASN B 168 7.14 1.43 8.98
N SER B 169 8.29 1.25 8.31
CA SER B 169 9.63 1.21 8.93
C SER B 169 10.23 2.60 8.81
N TYR B 170 11.02 3.00 9.81
CA TYR B 170 11.65 4.31 9.83
C TYR B 170 13.10 4.19 10.19
N GLY B 171 13.99 4.73 9.40
CA GLY B 171 15.36 4.59 9.75
C GLY B 171 16.26 5.75 9.64
N ALA B 172 17.44 5.50 10.19
CA ALA B 172 18.56 6.41 10.25
C ALA B 172 19.74 5.54 10.67
N THR B 173 20.90 5.93 10.18
CA THR B 173 22.12 5.25 10.47
C THR B 173 22.93 6.21 11.29
N PHE B 174 23.95 5.66 11.96
CA PHE B 174 24.82 6.45 12.78
C PHE B 174 26.03 5.66 12.96
N SER B 175 27.11 6.38 13.21
CA SER B 175 28.46 5.88 13.43
C SER B 175 28.64 4.88 14.57
N PHE B 176 29.63 4.00 14.44
CA PHE B 176 29.84 3.05 15.52
C PHE B 176 30.89 3.54 16.52
N GLN B 177 30.45 3.97 17.70
CA GLN B 177 31.37 4.46 18.71
C GLN B 177 30.85 4.23 20.14
N PRO B 178 31.79 4.13 21.08
CA PRO B 178 31.47 3.92 22.48
C PRO B 178 31.04 5.24 23.04
N TYR B 179 29.81 5.60 22.70
CA TYR B 179 29.28 6.85 23.18
C TYR B 179 29.17 6.90 24.68
N THR B 180 29.48 8.06 25.19
CA THR B 180 29.42 8.33 26.58
C THR B 180 27.96 8.54 26.80
N SER B 181 27.37 9.46 26.06
CA SER B 181 25.95 9.75 26.19
C SER B 181 25.17 9.70 24.88
N ILE B 182 23.89 10.03 25.00
CA ILE B 182 23.03 10.05 23.87
C ILE B 182 23.45 11.29 23.08
N ASP B 183 23.67 12.38 23.78
CA ASP B 183 24.08 13.60 23.10
C ASP B 183 25.46 13.37 22.49
N GLU B 184 26.02 12.21 22.81
CA GLU B 184 27.30 11.88 22.30
C GLU B 184 27.18 11.31 20.84
N MET B 185 25.93 11.15 20.39
CA MET B 185 25.67 10.62 19.07
C MET B 185 24.72 11.53 18.33
N THR B 186 25.07 11.80 17.06
CA THR B 186 24.32 12.64 16.12
C THR B 186 24.06 11.82 14.80
N TYR B 187 22.84 11.90 14.27
CA TYR B 187 22.45 11.17 13.04
C TYR B 187 23.21 11.42 11.72
N ARG B 188 23.55 10.33 11.03
CA ARG B 188 24.29 10.42 9.76
C ARG B 188 23.40 10.51 8.52
N HIS B 189 22.77 9.38 8.24
CA HIS B 189 21.89 9.24 7.11
C HIS B 189 20.58 8.80 7.67
N ILE B 190 19.50 9.10 6.99
CA ILE B 190 18.18 8.67 7.50
C ILE B 190 17.25 8.09 6.37
N PHE B 191 17.15 6.78 6.33
CA PHE B 191 16.37 6.11 5.33
C PHE B 191 14.87 5.82 5.45
N THR B 192 14.44 4.98 4.55
CA THR B 192 13.09 4.54 4.42
C THR B 192 13.35 3.37 3.57
N PRO B 193 12.65 2.31 3.85
CA PRO B 193 12.83 1.09 3.09
C PRO B 193 12.00 1.05 1.84
N VAL B 194 12.64 0.76 0.72
CA VAL B 194 11.93 0.68 -0.54
C VAL B 194 11.53 -0.75 -0.89
N LEU B 195 10.26 -0.88 -1.29
CA LEU B 195 9.67 -2.15 -1.64
C LEU B 195 9.68 -2.51 -3.09
N THR B 196 9.10 -1.64 -3.91
CA THR B 196 9.02 -1.86 -5.34
C THR B 196 10.41 -2.00 -5.98
N ASN B 197 10.50 -2.80 -7.03
CA ASN B 197 11.78 -3.00 -7.72
C ASN B 197 11.62 -2.30 -9.07
N LYS B 198 10.58 -1.46 -9.13
CA LYS B 198 10.23 -0.68 -10.32
C LYS B 198 11.18 0.48 -10.53
N GLN B 199 11.11 1.09 -11.71
CA GLN B 199 11.97 2.20 -12.02
C GLN B 199 11.68 3.43 -11.18
N ILE B 200 12.47 3.61 -10.13
CA ILE B 200 12.31 4.75 -9.24
C ILE B 200 13.01 5.85 -10.00
N SER B 201 12.25 6.73 -10.61
CA SER B 201 12.86 7.80 -11.36
C SER B 201 12.37 9.13 -10.90
N SER B 202 13.12 10.15 -11.28
CA SER B 202 12.84 11.55 -10.93
C SER B 202 13.46 11.79 -9.53
N ILE B 203 14.29 10.82 -9.10
CA ILE B 203 14.95 10.92 -7.81
C ILE B 203 15.79 12.17 -7.84
N THR B 204 15.39 13.15 -7.05
CA THR B 204 16.15 14.40 -6.99
C THR B 204 17.41 13.92 -6.28
N PRO B 205 18.55 14.25 -6.84
CA PRO B 205 19.87 13.90 -6.36
C PRO B 205 20.16 14.12 -4.79
N ASP B 206 19.19 14.72 -4.10
CA ASP B 206 19.36 14.95 -2.67
C ASP B 206 19.20 13.61 -1.90
N MET B 207 18.65 12.63 -2.60
CA MET B 207 18.46 11.34 -2.06
C MET B 207 19.32 10.44 -2.85
N GLU B 208 19.90 9.48 -2.16
CA GLU B 208 20.69 8.42 -2.71
C GLU B 208 19.81 7.21 -2.66
N ILE B 209 20.04 6.30 -3.60
CA ILE B 209 19.27 5.10 -3.61
C ILE B 209 20.14 3.86 -3.30
N THR B 210 20.16 3.37 -2.04
CA THR B 210 20.91 2.11 -1.90
C THR B 210 20.32 1.07 -0.91
N THR B 211 21.21 0.29 -0.32
CA THR B 211 20.80 -0.85 0.43
C THR B 211 21.58 -1.10 1.68
N ILE B 212 21.01 -1.99 2.37
CA ILE B 212 21.55 -2.58 3.49
C ILE B 212 21.86 -3.88 2.83
N PRO B 213 23.12 -4.31 2.77
CA PRO B 213 23.52 -5.59 2.23
C PRO B 213 23.01 -6.81 2.92
N LYS B 214 23.37 -7.91 2.33
CA LYS B 214 22.97 -9.21 2.83
C LYS B 214 24.05 -9.78 3.75
N GLY B 215 24.74 -8.88 4.48
CA GLY B 215 25.79 -9.30 5.40
C GLY B 215 25.39 -9.89 6.77
N ARG B 216 26.37 -9.95 7.66
CA ARG B 216 26.14 -10.47 8.99
C ARG B 216 25.66 -9.41 9.97
N TYR B 217 24.71 -9.75 10.82
CA TYR B 217 24.26 -8.78 11.77
C TYR B 217 24.16 -9.22 13.18
N ALA B 218 24.57 -8.29 14.00
CA ALA B 218 24.59 -8.40 15.42
C ALA B 218 23.66 -7.27 15.78
N CYS B 219 22.44 -7.66 16.08
CA CYS B 219 21.41 -6.71 16.41
C CYS B 219 20.68 -7.17 17.60
N ILE B 220 19.81 -6.27 18.05
CA ILE B 220 18.95 -6.49 19.21
C ILE B 220 17.70 -5.57 19.08
N ALA B 221 16.59 -6.03 19.62
CA ALA B 221 15.39 -5.25 19.53
C ALA B 221 14.71 -5.08 20.85
N TYR B 222 13.69 -4.23 20.83
CA TYR B 222 12.92 -3.96 22.00
C TYR B 222 11.91 -2.94 21.67
N ASN B 223 11.36 -2.38 22.72
CA ASN B 223 10.36 -1.38 22.59
C ASN B 223 10.99 -0.18 23.19
N PHE B 224 11.08 0.84 22.37
CA PHE B 224 11.67 2.05 22.83
C PHE B 224 11.13 2.58 24.14
N SER B 225 12.08 3.19 24.84
CA SER B 225 11.88 3.80 26.12
C SER B 225 13.16 4.49 26.24
N PRO B 226 13.10 5.75 26.58
CA PRO B 226 14.27 6.54 26.72
C PRO B 226 15.34 5.83 27.55
N GLU B 227 15.12 5.73 28.86
CA GLU B 227 16.07 5.08 29.76
C GLU B 227 16.57 3.74 29.23
N HIS B 228 15.77 3.15 28.36
CA HIS B 228 16.07 1.87 27.73
C HIS B 228 17.11 1.92 26.64
N TYR B 229 16.66 2.44 25.50
CA TYR B 229 17.39 2.66 24.25
C TYR B 229 18.90 2.57 24.34
N PHE B 230 19.37 3.36 25.29
CA PHE B 230 20.76 3.52 25.64
C PHE B 230 21.45 2.26 26.07
N LEU B 231 20.91 1.60 27.09
CA LEU B 231 21.48 0.36 27.62
C LEU B 231 21.70 -0.58 26.51
N ASN B 232 20.60 -0.90 25.86
CA ASN B 232 20.55 -1.78 24.73
C ASN B 232 21.70 -1.45 23.74
N LEU B 233 21.89 -0.17 23.45
CA LEU B 233 22.97 0.20 22.55
C LEU B 233 24.30 -0.20 23.29
N GLN B 234 24.41 0.23 24.54
CA GLN B 234 25.54 -0.05 25.39
C GLN B 234 25.96 -1.48 25.33
N LYS B 235 24.99 -2.33 25.65
CA LYS B 235 25.19 -3.77 25.65
C LYS B 235 25.55 -4.25 24.24
N LEU B 236 25.20 -3.48 23.24
CA LEU B 236 25.51 -3.90 21.90
C LEU B 236 27.00 -3.72 21.81
N ILE B 237 27.40 -2.49 22.06
CA ILE B 237 28.77 -2.09 22.03
C ILE B 237 29.63 -3.13 22.71
N LYS B 238 29.27 -3.41 23.98
CA LYS B 238 29.95 -4.41 24.83
C LYS B 238 30.19 -5.65 23.99
N TYR B 239 29.10 -6.23 23.56
CA TYR B 239 29.11 -7.40 22.77
C TYR B 239 30.24 -7.52 21.72
N ILE B 240 30.20 -6.66 20.74
CA ILE B 240 31.20 -6.69 19.72
C ILE B 240 32.55 -6.53 20.37
N ALA B 241 32.68 -5.49 21.19
CA ALA B 241 33.93 -5.23 21.88
C ALA B 241 34.45 -6.50 22.57
N ASP B 242 33.54 -7.28 23.14
CA ASP B 242 33.89 -8.50 23.83
C ASP B 242 34.33 -9.57 22.91
N ARG B 243 33.38 -10.18 22.23
CA ARG B 243 33.70 -11.25 21.29
C ARG B 243 34.70 -10.74 20.27
N GLN B 244 34.91 -9.43 20.25
CA GLN B 244 35.84 -8.74 19.41
C GLN B 244 35.59 -8.71 17.94
N LEU B 245 34.43 -9.18 17.54
CA LEU B 245 34.10 -9.20 16.12
C LEU B 245 34.39 -7.90 15.39
N THR B 246 34.64 -8.04 14.10
CA THR B 246 34.95 -6.92 13.19
C THR B 246 33.71 -6.19 12.57
N VAL B 247 33.58 -4.92 12.95
CA VAL B 247 32.48 -4.05 12.50
C VAL B 247 32.60 -3.69 11.02
N VAL B 248 31.49 -3.63 10.28
CA VAL B 248 31.59 -3.29 8.85
C VAL B 248 30.72 -2.17 8.23
N SER B 249 29.84 -1.62 9.06
CA SER B 249 28.95 -0.57 8.68
C SER B 249 28.64 0.30 9.90
N ASP B 250 27.50 0.95 9.81
CA ASP B 250 27.08 1.81 10.88
C ASP B 250 25.94 1.09 11.52
N VAL B 251 25.40 1.74 12.50
CA VAL B 251 24.29 1.18 13.22
C VAL B 251 22.96 1.50 12.55
N TYR B 252 22.10 0.50 12.49
CA TYR B 252 20.85 0.71 11.86
C TYR B 252 19.66 0.73 12.76
N GLU B 253 19.69 1.58 13.76
CA GLU B 253 18.56 1.63 14.63
C GLU B 253 17.42 2.10 13.71
N LEU B 254 16.45 1.19 13.56
CA LEU B 254 15.26 1.37 12.74
C LEU B 254 13.99 1.26 13.58
N ILE B 255 13.06 2.17 13.40
CA ILE B 255 11.83 2.11 14.16
C ILE B 255 10.50 1.84 13.47
N ILE B 256 9.65 1.13 14.20
CA ILE B 256 8.35 0.76 13.76
C ILE B 256 7.43 0.77 14.96
N PRO B 257 6.25 1.36 14.79
CA PRO B 257 5.21 1.44 15.83
C PRO B 257 4.51 0.08 16.08
N ILE B 258 3.96 -0.09 17.25
CA ILE B 258 3.30 -1.32 17.54
C ILE B 258 1.79 -1.21 17.46
N HIS B 259 1.26 0.01 17.50
CA HIS B 259 -0.18 0.17 17.48
C HIS B 259 -0.98 1.19 16.65
N TYR B 260 -0.40 2.29 16.20
CA TYR B 260 -1.21 3.25 15.41
C TYR B 260 -2.50 3.75 16.01
N SER B 261 -2.72 3.57 17.30
CA SER B 261 -3.98 4.06 17.82
C SER B 261 -3.85 5.37 18.47
N PRO B 262 -4.63 6.31 17.90
CA PRO B 262 -4.77 7.66 18.46
C PRO B 262 -5.33 7.59 19.87
N LYS B 263 -6.14 6.57 20.01
CA LYS B 263 -6.78 6.26 21.24
C LYS B 263 -5.71 6.21 22.32
N LYS B 264 -4.54 5.56 22.09
CA LYS B 264 -3.63 5.68 23.24
C LYS B 264 -2.15 5.97 23.01
N GLN B 265 -1.41 5.85 24.10
CA GLN B 265 0.04 6.13 24.18
C GLN B 265 0.91 5.44 23.18
N GLU B 266 1.55 6.16 22.27
CA GLU B 266 2.30 5.44 21.21
C GLU B 266 3.69 4.96 21.61
N GLU B 267 3.77 3.64 21.40
CA GLU B 267 4.93 2.82 21.65
C GLU B 267 5.32 2.15 20.37
N TYR B 268 6.58 1.74 20.33
CA TYR B 268 7.10 1.08 19.16
C TYR B 268 8.32 0.28 19.42
N ARG B 269 8.48 -0.71 18.57
CA ARG B 269 9.59 -1.60 18.62
C ARG B 269 10.81 -0.97 17.86
N VAL B 270 12.00 -1.03 18.50
CA VAL B 270 13.27 -0.50 17.95
C VAL B 270 14.23 -1.56 17.53
N GLU B 271 15.17 -1.24 16.62
CA GLU B 271 16.09 -2.26 16.19
C GLU B 271 17.53 -2.00 15.76
N MET B 272 18.32 -1.41 16.64
CA MET B 272 19.73 -1.15 16.34
C MET B 272 20.45 -2.42 15.81
N LYS B 273 20.98 -2.37 14.59
CA LYS B 273 21.71 -3.54 14.08
C LYS B 273 22.98 -3.09 13.44
N ILE B 274 23.99 -3.96 13.56
CA ILE B 274 25.30 -3.69 13.00
C ILE B 274 25.82 -4.90 12.24
N ARG B 275 26.41 -4.62 11.09
CA ARG B 275 26.95 -5.68 10.30
C ARG B 275 28.34 -5.85 10.68
N ILE B 276 28.75 -7.09 10.65
CA ILE B 276 30.10 -7.41 10.99
C ILE B 276 30.52 -8.65 10.27
N ALA B 277 31.82 -8.92 10.28
CA ALA B 277 32.39 -10.10 9.63
C ALA B 277 33.17 -10.91 10.68
#